data_5ZXE
#
_entry.id   5ZXE
#
_cell.length_a   35.718
_cell.length_b   45.910
_cell.length_c   90.870
_cell.angle_alpha   90.00
_cell.angle_beta   90.00
_cell.angle_gamma   90.00
#
_symmetry.space_group_name_H-M   'P 2 21 21'
#
loop_
_entity.id
_entity.type
_entity.pdbx_description
1 polymer 'Consensus sequence based basic form of fibroblast growth factor'
2 non-polymer GLYCEROL
3 non-polymer 'SULFATE ION'
4 non-polymer 'SODIUM ION'
5 non-polymer 'CHLORIDE ION'
6 water water
#
_entity_poly.entity_id   1
_entity_poly.type   'polypeptide(L)'
_entity_poly.pdbx_seq_one_letter_code
;MRLRRLYCRTGGFHLQILPDGRVDGTREDNSPYSLLEIRAVEVGVVAIKGVKSGRYLAMNKKGRLYGSKHFTDECKFKER
LLENGYNTYSSAKYRRGWYVALNKNGRPKKGNRTRRTQKATHFLPLPVSG
;
_entity_poly.pdbx_strand_id   A
#
# COMPACT_ATOMS: atom_id res chain seq x y z
N MET A 1 14.25 9.78 -8.59
CA MET A 1 14.11 8.77 -7.56
C MET A 1 12.79 8.96 -6.81
N ARG A 2 12.04 9.98 -7.23
CA ARG A 2 10.84 10.36 -6.50
C ARG A 2 9.78 9.26 -6.50
N LEU A 3 9.66 8.49 -7.58
CA LEU A 3 8.72 7.38 -7.56
C LEU A 3 9.24 6.26 -6.66
N ARG A 4 8.31 5.55 -6.04
CA ARG A 4 8.65 4.49 -5.10
C ARG A 4 7.91 3.22 -5.46
N ARG A 5 8.47 2.10 -5.01
CA ARG A 5 7.74 0.84 -4.96
C ARG A 5 7.69 0.39 -3.51
N LEU A 6 6.64 -0.35 -3.18
CA LEU A 6 6.37 -0.77 -1.80
CA LEU A 6 6.37 -0.77 -1.80
C LEU A 6 6.55 -2.28 -1.73
N TYR A 7 7.68 -2.72 -1.15
CA TYR A 7 8.05 -4.12 -1.11
C TYR A 7 7.58 -4.78 0.18
N CYS A 8 6.87 -5.90 0.05
CA CYS A 8 6.40 -6.62 1.22
CA CYS A 8 6.40 -6.64 1.21
C CYS A 8 7.53 -7.44 1.83
N ARG A 9 7.49 -7.55 3.16
CA ARG A 9 8.43 -8.41 3.85
C ARG A 9 8.22 -9.87 3.46
N THR A 10 7.01 -10.27 3.11
CA THR A 10 6.69 -11.65 2.79
C THR A 10 6.37 -11.83 1.31
N GLY A 11 6.71 -13.01 0.80
CA GLY A 11 6.31 -13.44 -0.52
C GLY A 11 7.10 -12.87 -1.68
N GLY A 12 8.04 -11.97 -1.43
CA GLY A 12 8.73 -11.32 -2.53
C GLY A 12 7.87 -10.44 -3.39
N PHE A 13 6.74 -9.95 -2.86
CA PHE A 13 5.82 -9.13 -3.62
C PHE A 13 6.14 -7.65 -3.46
N HIS A 14 5.73 -6.86 -4.45
CA HIS A 14 5.56 -5.44 -4.24
C HIS A 14 4.15 -5.05 -4.67
N LEU A 15 3.64 -3.97 -4.07
CA LEU A 15 2.24 -3.61 -4.22
C LEU A 15 1.95 -3.04 -5.61
N GLN A 16 0.80 -3.43 -6.16
CA GLN A 16 0.35 -2.99 -7.47
C GLN A 16 -1.03 -2.39 -7.32
N ILE A 17 -1.25 -1.25 -7.95
CA ILE A 17 -2.56 -0.61 -8.00
C ILE A 17 -3.00 -0.69 -9.46
N LEU A 18 -3.88 -1.64 -9.74
CA LEU A 18 -4.19 -2.00 -11.11
C LEU A 18 -5.25 -1.08 -11.72
N PRO A 19 -5.27 -0.99 -13.05
CA PRO A 19 -6.22 -0.07 -13.71
C PRO A 19 -7.68 -0.48 -13.61
N ASP A 20 -7.97 -1.67 -13.09
CA ASP A 20 -9.35 -2.09 -12.86
C ASP A 20 -9.82 -1.83 -11.43
N GLY A 21 -9.01 -1.13 -10.63
CA GLY A 21 -9.38 -0.86 -9.26
C GLY A 21 -8.93 -1.90 -8.26
N ARG A 22 -8.37 -3.01 -8.72
CA ARG A 22 -7.87 -4.02 -7.80
C ARG A 22 -6.48 -3.65 -7.32
N VAL A 23 -6.16 -4.14 -6.13
CA VAL A 23 -4.83 -4.01 -5.53
C VAL A 23 -4.33 -5.41 -5.27
N ASP A 24 -3.06 -5.67 -5.59
CA ASP A 24 -2.48 -6.97 -5.29
C ASP A 24 -0.97 -6.83 -5.20
N GLY A 25 -0.29 -7.96 -5.06
CA GLY A 25 1.15 -8.00 -5.08
C GLY A 25 1.62 -8.68 -6.36
N THR A 26 2.75 -8.21 -6.87
CA THR A 26 3.40 -8.84 -7.99
C THR A 26 4.85 -9.13 -7.65
N ARG A 27 5.39 -10.20 -8.23
CA ARG A 27 6.82 -10.49 -8.13
C ARG A 27 7.59 -10.12 -9.40
N GLU A 28 6.93 -9.50 -10.38
CA GLU A 28 7.57 -9.16 -11.65
C GLU A 28 8.17 -7.75 -11.58
N ASP A 29 9.37 -7.60 -12.15
CA ASP A 29 10.11 -6.34 -12.09
C ASP A 29 9.57 -5.25 -13.00
N ASN A 30 8.99 -5.61 -14.14
CA ASN A 30 8.55 -4.60 -15.10
C ASN A 30 7.04 -4.41 -15.00
N SER A 31 6.63 -3.88 -13.85
N SER A 31 6.63 -3.95 -13.82
CA SER A 31 5.23 -3.77 -13.49
CA SER A 31 5.23 -3.76 -13.46
C SER A 31 4.88 -2.30 -13.33
C SER A 31 4.96 -2.27 -13.34
N PRO A 32 4.47 -1.63 -14.41
CA PRO A 32 4.24 -0.18 -14.34
C PRO A 32 3.17 0.22 -13.33
N TYR A 33 2.20 -0.65 -13.06
CA TYR A 33 1.17 -0.34 -12.09
C TYR A 33 1.64 -0.45 -10.65
N SER A 34 2.90 -0.78 -10.43
CA SER A 34 3.46 -0.80 -9.09
C SER A 34 4.24 0.47 -8.78
N LEU A 35 4.36 1.39 -9.72
CA LEU A 35 5.07 2.65 -9.49
C LEU A 35 4.17 3.59 -8.70
N LEU A 36 4.69 4.09 -7.56
CA LEU A 36 3.87 4.80 -6.60
C LEU A 36 4.43 6.17 -6.28
N GLU A 37 3.51 7.11 -6.04
N GLU A 37 3.51 7.11 -6.03
CA GLU A 37 3.82 8.41 -5.48
CA GLU A 37 3.83 8.42 -5.48
C GLU A 37 3.34 8.35 -4.04
C GLU A 37 3.34 8.40 -4.04
N ILE A 38 4.27 8.40 -3.10
CA ILE A 38 3.95 8.33 -1.68
C ILE A 38 4.23 9.69 -1.08
N ARG A 39 3.18 10.38 -0.66
CA ARG A 39 3.31 11.72 -0.12
C ARG A 39 2.68 11.79 1.27
N ALA A 40 3.38 12.43 2.19
CA ALA A 40 2.78 12.69 3.49
C ALA A 40 1.77 13.82 3.33
N VAL A 41 0.51 13.55 3.69
CA VAL A 41 -0.54 14.54 3.57
C VAL A 41 -0.92 15.13 4.92
N GLU A 42 -0.54 14.48 6.02
CA GLU A 42 -0.65 15.02 7.38
C GLU A 42 0.56 14.49 8.14
N VAL A 43 0.76 14.98 9.36
CA VAL A 43 1.84 14.39 10.14
C VAL A 43 1.54 12.91 10.36
N GLY A 44 2.46 12.06 9.93
CA GLY A 44 2.33 10.63 10.10
C GLY A 44 1.33 9.95 9.20
N VAL A 45 0.79 10.65 8.18
CA VAL A 45 -0.25 10.08 7.33
C VAL A 45 0.13 10.30 5.87
N VAL A 46 0.03 9.24 5.07
CA VAL A 46 0.42 9.30 3.68
C VAL A 46 -0.76 9.01 2.75
N ALA A 47 -0.63 9.50 1.53
CA ALA A 47 -1.42 9.06 0.40
C ALA A 47 -0.49 8.30 -0.54
N ILE A 48 -0.98 7.21 -1.10
CA ILE A 48 -0.19 6.32 -1.94
C ILE A 48 -0.91 6.26 -3.29
N LYS A 49 -0.35 6.92 -4.30
CA LYS A 49 -0.98 7.00 -5.61
C LYS A 49 -0.28 6.09 -6.60
N GLY A 50 -1.05 5.25 -7.28
CA GLY A 50 -0.51 4.47 -8.37
C GLY A 50 -0.45 5.36 -9.60
N VAL A 51 0.74 5.80 -9.99
CA VAL A 51 0.85 6.88 -10.97
C VAL A 51 0.30 6.46 -12.33
N LYS A 52 0.52 5.20 -12.71
CA LYS A 52 0.10 4.80 -14.05
CA LYS A 52 0.10 4.76 -14.04
C LYS A 52 -1.41 4.57 -14.11
N SER A 53 -2.02 4.03 -13.05
CA SER A 53 -3.46 3.89 -13.03
C SER A 53 -4.17 5.20 -12.72
N GLY A 54 -3.47 6.15 -12.07
CA GLY A 54 -4.09 7.35 -11.55
C GLY A 54 -4.93 7.15 -10.31
N ARG A 55 -4.96 5.93 -9.76
CA ARG A 55 -5.78 5.59 -8.61
C ARG A 55 -4.99 5.68 -7.31
N TYR A 56 -5.67 6.09 -6.25
CA TYR A 56 -5.09 6.10 -4.90
C TYR A 56 -5.40 4.81 -4.17
N LEU A 57 -4.40 4.28 -3.47
CA LEU A 57 -4.66 3.18 -2.56
C LEU A 57 -5.71 3.62 -1.55
N ALA A 58 -6.70 2.77 -1.31
CA ALA A 58 -7.77 3.13 -0.41
C ALA A 58 -8.26 1.88 0.30
N MET A 59 -8.91 2.07 1.44
CA MET A 59 -9.53 0.97 2.16
C MET A 59 -10.95 1.37 2.55
N ASN A 60 -11.91 0.52 2.22
CA ASN A 60 -13.30 0.82 2.44
C ASN A 60 -13.73 0.41 3.85
N LYS A 61 -14.99 0.68 4.18
CA LYS A 61 -15.50 0.42 5.52
C LYS A 61 -15.59 -1.07 5.85
N LYS A 62 -15.44 -1.95 4.87
CA LYS A 62 -15.33 -3.38 5.12
C LYS A 62 -13.89 -3.85 5.29
N GLY A 63 -12.93 -2.93 5.25
CA GLY A 63 -11.54 -3.32 5.40
C GLY A 63 -10.89 -3.84 4.14
N ARG A 64 -11.45 -3.55 2.98
CA ARG A 64 -10.95 -4.07 1.71
C ARG A 64 -10.19 -2.99 0.96
N LEU A 65 -9.01 -3.34 0.45
CA LEU A 65 -8.22 -2.43 -0.35
C LEU A 65 -8.76 -2.31 -1.76
N TYR A 66 -8.67 -1.11 -2.32
CA TYR A 66 -9.07 -0.86 -3.70
C TYR A 66 -8.30 0.34 -4.22
N GLY A 67 -8.31 0.51 -5.53
CA GLY A 67 -7.73 1.67 -6.17
C GLY A 67 -8.81 2.70 -6.44
N SER A 68 -8.79 3.81 -5.73
N SER A 68 -8.76 3.84 -5.75
CA SER A 68 -9.86 4.80 -5.78
CA SER A 68 -9.84 4.81 -5.76
C SER A 68 -9.79 5.62 -7.05
C SER A 68 -9.78 5.72 -6.98
N LYS A 69 -10.96 6.07 -7.50
CA LYS A 69 -11.04 6.92 -8.69
C LYS A 69 -10.66 8.37 -8.42
N HIS A 70 -10.75 8.82 -7.17
CA HIS A 70 -10.25 10.14 -6.78
C HIS A 70 -9.86 10.10 -5.32
N PHE A 71 -9.24 11.18 -4.86
CA PHE A 71 -8.71 11.22 -3.51
C PHE A 71 -9.82 11.49 -2.51
N THR A 72 -9.96 10.60 -1.52
CA THR A 72 -10.97 10.72 -0.48
C THR A 72 -10.31 10.40 0.85
N ASP A 73 -11.10 10.52 1.92
CA ASP A 73 -10.61 10.18 3.26
C ASP A 73 -10.27 8.71 3.39
N GLU A 74 -10.80 7.84 2.52
CA GLU A 74 -10.42 6.43 2.54
C GLU A 74 -9.03 6.18 1.98
N CYS A 75 -8.38 7.22 1.44
CA CYS A 75 -7.06 7.12 0.83
C CYS A 75 -5.94 7.51 1.78
N LYS A 76 -6.25 7.75 3.04
CA LYS A 76 -5.25 8.20 3.99
C LYS A 76 -4.82 7.04 4.87
N PHE A 77 -3.52 6.87 5.02
CA PHE A 77 -2.96 5.76 5.79
C PHE A 77 -1.97 6.29 6.80
N LYS A 78 -2.13 5.89 8.05
CA LYS A 78 -1.14 6.18 9.07
C LYS A 78 0.09 5.33 8.80
N GLU A 79 1.24 5.99 8.65
CA GLU A 79 2.50 5.32 8.33
C GLU A 79 3.36 5.29 9.59
N ARG A 80 3.73 4.09 9.99
CA ARG A 80 4.56 3.91 11.18
C ARG A 80 5.84 3.19 10.79
N LEU A 81 6.96 3.68 11.29
CA LEU A 81 8.26 3.10 11.00
C LEU A 81 8.59 2.14 12.15
N LEU A 82 8.75 0.86 11.83
CA LEU A 82 9.04 -0.14 12.84
C LEU A 82 10.54 -0.20 13.10
N GLU A 83 10.90 -0.68 14.28
CA GLU A 83 12.32 -0.76 14.61
C GLU A 83 13.07 -1.72 13.68
N ASN A 84 12.35 -2.65 13.05
CA ASN A 84 12.98 -3.61 12.15
C ASN A 84 13.28 -3.06 10.77
N GLY A 85 12.91 -1.81 10.49
CA GLY A 85 13.22 -1.18 9.23
C GLY A 85 12.08 -1.12 8.25
N TYR A 86 11.02 -1.89 8.49
CA TYR A 86 9.83 -1.86 7.66
C TYR A 86 8.84 -0.84 8.20
N ASN A 87 7.83 -0.52 7.39
CA ASN A 87 6.77 0.38 7.76
C ASN A 87 5.46 -0.37 7.72
N THR A 88 4.49 0.11 8.51
CA THR A 88 3.12 -0.32 8.40
C THR A 88 2.24 0.85 7.95
N TYR A 89 1.12 0.50 7.33
CA TYR A 89 0.18 1.47 6.80
C TYR A 89 -1.21 1.04 7.23
N SER A 90 -1.86 1.85 8.05
CA SER A 90 -3.17 1.51 8.58
C SER A 90 -4.19 2.58 8.23
N SER A 91 -5.43 2.17 8.11
CA SER A 91 -6.50 3.09 7.71
C SER A 91 -6.61 4.24 8.70
N ALA A 92 -6.46 5.47 8.19
CA ALA A 92 -6.68 6.64 9.04
C ALA A 92 -8.15 6.88 9.32
N LYS A 93 -9.03 6.48 8.40
CA LYS A 93 -10.44 6.75 8.57
C LYS A 93 -11.11 5.76 9.52
N TYR A 94 -10.78 4.48 9.40
CA TYR A 94 -11.36 3.42 10.20
C TYR A 94 -10.29 3.00 11.20
N ARG A 95 -10.37 3.58 12.39
CA ARG A 95 -9.34 3.40 13.42
C ARG A 95 -9.61 2.11 14.19
N ARG A 96 -9.38 0.99 13.49
CA ARG A 96 -9.70 -0.32 14.03
C ARG A 96 -8.52 -1.28 13.89
N GLY A 97 -7.31 -0.75 13.70
CA GLY A 97 -6.14 -1.59 13.51
C GLY A 97 -6.21 -2.38 12.21
N TRP A 98 -6.60 -1.69 11.13
CA TRP A 98 -6.77 -2.31 9.81
C TRP A 98 -5.59 -1.89 8.94
N TYR A 99 -4.76 -2.85 8.56
CA TYR A 99 -3.51 -2.56 7.88
C TYR A 99 -3.55 -2.98 6.42
N VAL A 100 -2.79 -2.25 5.60
CA VAL A 100 -2.43 -2.74 4.27
C VAL A 100 -1.61 -4.01 4.44
N ALA A 101 -1.97 -5.06 3.72
CA ALA A 101 -1.29 -6.33 3.91
C ALA A 101 -1.57 -7.23 2.72
N LEU A 102 -0.59 -8.06 2.38
CA LEU A 102 -0.74 -9.04 1.31
C LEU A 102 -0.56 -10.43 1.88
N ASN A 103 -1.43 -11.35 1.48
CA ASN A 103 -1.31 -12.73 1.92
C ASN A 103 -0.26 -13.47 1.08
N LYS A 104 -0.10 -14.77 1.35
CA LYS A 104 0.92 -15.55 0.68
C LYS A 104 0.70 -15.66 -0.82
N ASN A 105 -0.52 -15.45 -1.29
CA ASN A 105 -0.81 -15.47 -2.72
C ASN A 105 -0.76 -14.08 -3.34
N GLY A 106 -0.30 -13.08 -2.60
CA GLY A 106 -0.27 -11.72 -3.11
C GLY A 106 -1.62 -11.04 -3.16
N ARG A 107 -2.61 -11.59 -2.51
CA ARG A 107 -3.88 -10.91 -2.49
C ARG A 107 -4.01 -10.07 -1.23
N PRO A 108 -4.69 -8.92 -1.30
CA PRO A 108 -4.80 -8.08 -0.11
C PRO A 108 -5.63 -8.77 0.97
N LYS A 109 -5.23 -8.55 2.21
CA LYS A 109 -5.97 -9.06 3.37
C LYS A 109 -7.08 -8.09 3.76
N LYS A 110 -8.16 -8.67 4.29
CA LYS A 110 -9.20 -7.86 4.90
C LYS A 110 -8.66 -7.23 6.17
N GLY A 111 -9.00 -5.96 6.38
CA GLY A 111 -8.43 -5.20 7.50
C GLY A 111 -8.56 -5.89 8.85
N ASN A 112 -9.72 -6.49 9.13
CA ASN A 112 -9.92 -7.10 10.44
C ASN A 112 -9.20 -8.45 10.59
N ARG A 113 -8.42 -8.86 9.59
CA ARG A 113 -7.57 -10.03 9.67
C ARG A 113 -6.09 -9.67 9.72
N THR A 114 -5.77 -8.41 10.04
CA THR A 114 -4.40 -7.93 10.05
C THR A 114 -4.03 -7.47 11.45
N ARG A 115 -2.72 -7.38 11.69
CA ARG A 115 -2.18 -6.85 12.94
C ARG A 115 -0.76 -6.39 12.66
N ARG A 116 -0.31 -5.37 13.40
CA ARG A 116 1.00 -4.78 13.13
C ARG A 116 2.14 -5.77 13.36
N THR A 117 1.88 -6.87 14.07
CA THR A 117 2.89 -7.89 14.29
C THR A 117 2.97 -8.88 13.15
N GLN A 118 2.05 -8.82 12.18
CA GLN A 118 2.10 -9.71 11.03
C GLN A 118 3.13 -9.23 10.04
N LYS A 119 4.02 -10.13 9.62
CA LYS A 119 4.96 -9.78 8.57
C LYS A 119 4.25 -9.35 7.28
N ALA A 120 3.03 -9.83 7.06
CA ALA A 120 2.26 -9.43 5.89
C ALA A 120 1.95 -7.93 5.85
N THR A 121 2.02 -7.23 7.00
CA THR A 121 1.78 -5.80 7.05
C THR A 121 3.05 -4.97 6.90
N HIS A 122 4.20 -5.62 6.76
CA HIS A 122 5.47 -4.91 6.81
C HIS A 122 5.93 -4.63 5.38
N PHE A 123 6.15 -3.36 5.07
CA PHE A 123 6.54 -2.93 3.73
C PHE A 123 7.73 -2.00 3.79
N LEU A 124 8.56 -2.07 2.76
CA LEU A 124 9.69 -1.15 2.62
C LEU A 124 9.44 -0.27 1.39
N PRO A 125 9.22 1.03 1.55
CA PRO A 125 9.16 1.91 0.37
C PRO A 125 10.57 2.15 -0.15
N LEU A 126 10.78 1.90 -1.43
CA LEU A 126 12.09 2.04 -2.03
C LEU A 126 12.02 2.95 -3.24
N PRO A 127 12.87 3.97 -3.33
CA PRO A 127 12.88 4.82 -4.52
C PRO A 127 13.30 4.04 -5.76
N VAL A 128 12.71 4.40 -6.89
CA VAL A 128 12.96 3.73 -8.16
C VAL A 128 14.15 4.41 -8.82
N SER A 129 15.24 3.67 -8.97
CA SER A 129 16.50 4.22 -9.50
C SER A 129 17.02 5.35 -8.63
N GLY A 130 17.02 5.11 -7.31
CA GLY A 130 17.43 6.12 -6.35
C GLY A 130 18.83 5.92 -5.81
#